data_9HRI
#
_entry.id   9HRI
#
_cell.length_a   107.246
_cell.length_b   107.246
_cell.length_c   219.192
_cell.angle_alpha   90.000
_cell.angle_beta   90.000
_cell.angle_gamma   120.000
#
_symmetry.space_group_name_H-M   'P 61 2 2'
#
loop_
_entity.id
_entity.type
_entity.pdbx_description
1 polymer 'Aromatic-L-amino-acid decarboxylase'
2 non-polymer 'TETRAETHYLENE GLYCOL'
3 water water
#
_entity_poly.entity_id   1
_entity_poly.type   'polypeptide(L)'
_entity_poly.pdbx_seq_one_letter_code
;MNASEFRRRGKEMVDYVANYMEGIEGRQVYPDVEPGYLRPLIPAAAPQEPDTFEDIINDVEKIIMPGVTHWHSPYFFAYF
PTASSYPAMLADMLCGAIGCIGFSWAASPACTELETVMMDWLGKMLELPKAFLNEKAGEGGGVIQGSASEATLVALLAAR
TKVIHRLQAASPELTQAAIMEKLVAYSSDQAHSSVERAGLIGGVKLKAIPSDGNFAMRASALQEALERDKAAGLIPFFMV
ATLGTTTCCSFDNLLEVGPICNKEDIWLHVDAAYAGSAFICPEFRHLLNGVEFADSFNFNPH(LLP)WLLVNFDCSAMWV
KKRTDLTGAFRLDPTYLKHSHQDSGLITDYRHWQIPPGRRFRSLKMWFVFRMYGVKGLQAYIRKHVQLSHEFESLVRQDP
RFEICVEVILGLVCFRLKGSNKVNEALLQRINSAKKIHLVPCHLRDKFVLRFAICSRTVESAHVQRAWEHIKELAADVLR
AERE
;
_entity_poly.pdbx_strand_id   A
#
loop_
_chem_comp.id
_chem_comp.type
_chem_comp.name
_chem_comp.formula
PG4 non-polymer 'TETRAETHYLENE GLYCOL' 'C8 H18 O5'
#
# COMPACT_ATOMS: atom_id res chain seq x y z
N MET A 1 -5.12 -32.61 -15.76
CA MET A 1 -3.70 -32.60 -16.09
C MET A 1 -2.82 -33.28 -15.04
N ASN A 2 -1.88 -34.09 -15.53
CA ASN A 2 -0.91 -34.77 -14.70
C ASN A 2 0.42 -34.01 -14.72
N ALA A 3 1.34 -34.47 -13.87
CA ALA A 3 2.60 -33.76 -13.70
C ALA A 3 3.43 -33.75 -14.98
N SER A 4 3.37 -34.82 -15.77
CA SER A 4 4.14 -34.85 -17.00
C SER A 4 3.69 -33.77 -17.97
N GLU A 5 2.38 -33.56 -18.09
CA GLU A 5 1.89 -32.47 -18.94
C GLU A 5 2.16 -31.11 -18.31
N PHE A 6 2.17 -31.02 -16.98
CA PHE A 6 2.56 -29.77 -16.33
C PHE A 6 4.01 -29.44 -16.62
N ARG A 7 4.87 -30.45 -16.75
CA ARG A 7 6.26 -30.20 -17.12
C ARG A 7 6.34 -29.45 -18.44
N ARG A 8 5.52 -29.83 -19.41
CA ARG A 8 5.52 -29.14 -20.70
C ARG A 8 4.86 -27.77 -20.58
N ARG A 9 3.61 -27.74 -20.12
CA ARG A 9 2.84 -26.50 -20.10
C ARG A 9 3.40 -25.50 -19.10
N GLY A 10 3.96 -25.97 -17.98
CA GLY A 10 4.56 -25.07 -17.01
C GLY A 10 5.72 -24.29 -17.59
N LYS A 11 6.62 -25.00 -18.29
CA LYS A 11 7.74 -24.31 -18.93
C LYS A 11 7.28 -23.42 -20.08
N GLU A 12 6.21 -23.81 -20.77
CA GLU A 12 5.65 -22.93 -21.80
C GLU A 12 5.10 -21.65 -21.19
N MET A 13 4.46 -21.76 -20.02
CA MET A 13 3.94 -20.57 -19.35
C MET A 13 5.07 -19.70 -18.82
N VAL A 14 6.17 -20.30 -18.38
CA VAL A 14 7.34 -19.52 -17.96
C VAL A 14 7.81 -18.65 -19.12
N ASP A 15 7.92 -19.24 -20.31
CA ASP A 15 8.35 -18.49 -21.48
C ASP A 15 7.34 -17.40 -21.84
N TYR A 16 6.04 -17.70 -21.73
CA TYR A 16 5.02 -16.71 -22.04
C TYR A 16 5.11 -15.52 -21.08
N VAL A 17 5.27 -15.80 -19.78
CA VAL A 17 5.39 -14.72 -18.80
C VAL A 17 6.64 -13.90 -19.07
N ALA A 18 7.76 -14.57 -19.36
CA ALA A 18 9.00 -13.86 -19.65
C ALA A 18 8.87 -13.02 -20.92
N ASN A 19 8.21 -13.56 -21.95
CA ASN A 19 7.98 -12.79 -23.16
C ASN A 19 7.14 -11.55 -22.88
N TYR A 20 6.07 -11.70 -22.10
CA TYR A 20 5.23 -10.57 -21.75
C TYR A 20 6.05 -9.49 -21.04
N MET A 21 6.85 -9.89 -20.05
CA MET A 21 7.63 -8.93 -19.27
C MET A 21 8.66 -8.23 -20.13
N GLU A 22 9.31 -8.96 -21.05
CA GLU A 22 10.38 -8.38 -21.85
C GLU A 22 9.84 -7.41 -22.90
N GLY A 23 8.62 -7.62 -23.37
CA GLY A 23 8.00 -6.72 -24.33
C GLY A 23 6.99 -5.75 -23.75
N ILE A 24 6.97 -5.57 -22.43
CA ILE A 24 5.89 -4.81 -21.80
C ILE A 24 5.91 -3.33 -22.19
N GLU A 25 7.06 -2.80 -22.61
CA GLU A 25 7.09 -1.41 -23.05
C GLU A 25 6.39 -1.20 -24.39
N GLY A 26 6.10 -2.27 -25.12
CA GLY A 26 5.29 -2.17 -26.32
C GLY A 26 3.80 -2.21 -26.09
N ARG A 27 3.38 -2.38 -24.84
CA ARG A 27 1.97 -2.42 -24.49
C ARG A 27 1.47 -1.03 -24.13
N GLN A 28 0.28 -0.70 -24.63
CA GLN A 28 -0.41 0.49 -24.15
C GLN A 28 -0.78 0.30 -22.68
N VAL A 29 -0.32 1.21 -21.83
CA VAL A 29 -0.36 0.98 -20.39
C VAL A 29 -1.80 0.86 -19.90
N TYR A 30 -2.71 1.68 -20.42
CA TYR A 30 -4.08 1.66 -19.97
C TYR A 30 -5.01 1.27 -21.12
N PRO A 31 -5.98 0.39 -20.89
CA PRO A 31 -6.74 -0.19 -22.00
C PRO A 31 -7.76 0.76 -22.58
N ASP A 32 -8.17 0.43 -23.82
CA ASP A 32 -9.19 1.17 -24.54
C ASP A 32 -10.56 0.52 -24.45
N VAL A 33 -10.69 -0.58 -23.71
CA VAL A 33 -11.98 -1.24 -23.59
C VAL A 33 -12.93 -0.41 -22.73
N GLU A 34 -14.22 -0.69 -22.87
CA GLU A 34 -15.27 -0.08 -22.08
C GLU A 34 -15.93 -1.12 -21.19
N PRO A 35 -16.61 -0.70 -20.12
CA PRO A 35 -17.23 -1.68 -19.21
C PRO A 35 -18.19 -2.61 -19.93
N GLY A 36 -18.03 -3.91 -19.69
CA GLY A 36 -18.85 -4.92 -20.33
C GLY A 36 -18.28 -5.50 -21.60
N TYR A 37 -17.01 -5.25 -21.91
CA TYR A 37 -16.47 -5.66 -23.21
C TYR A 37 -16.30 -7.17 -23.31
N LEU A 38 -16.07 -7.83 -22.18
CA LEU A 38 -15.59 -9.22 -22.21
C LEU A 38 -16.71 -10.22 -22.45
N ARG A 39 -17.87 -10.01 -21.84
CA ARG A 39 -18.94 -10.99 -21.93
C ARG A 39 -19.31 -11.39 -23.36
N PRO A 40 -19.42 -10.48 -24.33
CA PRO A 40 -19.72 -10.93 -25.70
C PRO A 40 -18.62 -11.78 -26.33
N LEU A 41 -17.40 -11.74 -25.80
CA LEU A 41 -16.27 -12.44 -26.39
C LEU A 41 -16.03 -13.82 -25.80
N ILE A 42 -16.75 -14.18 -24.75
CA ILE A 42 -16.60 -15.46 -24.05
C ILE A 42 -17.92 -16.22 -24.16
N PRO A 43 -17.91 -17.54 -24.30
CA PRO A 43 -19.18 -18.29 -24.29
C PRO A 43 -19.97 -18.05 -23.02
N ALA A 44 -21.27 -18.30 -23.12
CA ALA A 44 -22.18 -18.06 -22.01
C ALA A 44 -22.13 -19.16 -20.95
N ALA A 45 -21.53 -20.30 -21.24
CA ALA A 45 -21.46 -21.41 -20.29
C ALA A 45 -20.08 -22.05 -20.38
N ALA A 46 -19.71 -22.73 -19.29
CA ALA A 46 -18.45 -23.46 -19.26
C ALA A 46 -18.48 -24.59 -20.28
N PRO A 47 -17.34 -24.96 -20.85
CA PRO A 47 -17.31 -26.08 -21.79
C PRO A 47 -17.52 -27.41 -21.09
N GLN A 48 -18.24 -28.32 -21.75
CA GLN A 48 -18.43 -29.65 -21.20
C GLN A 48 -17.17 -30.50 -21.37
N GLU A 49 -16.57 -30.46 -22.56
CA GLU A 49 -15.29 -31.08 -22.87
C GLU A 49 -14.16 -30.09 -22.62
N PRO A 50 -12.96 -30.58 -22.32
CA PRO A 50 -11.83 -29.67 -22.08
C PRO A 50 -11.43 -28.89 -23.32
N ASP A 51 -11.03 -27.64 -23.10
CA ASP A 51 -10.37 -26.84 -24.12
C ASP A 51 -8.87 -27.10 -24.10
N THR A 52 -8.21 -26.76 -25.20
CA THR A 52 -6.77 -26.94 -25.27
C THR A 52 -6.05 -25.77 -24.62
N PHE A 53 -4.84 -26.05 -24.12
CA PHE A 53 -3.99 -24.99 -23.57
C PHE A 53 -3.70 -23.92 -24.62
N GLU A 54 -3.50 -24.34 -25.87
CA GLU A 54 -3.24 -23.40 -26.94
C GLU A 54 -4.42 -22.47 -27.16
N ASP A 55 -5.64 -23.01 -27.10
CA ASP A 55 -6.84 -22.18 -27.21
C ASP A 55 -6.91 -21.16 -26.09
N ILE A 56 -6.53 -21.55 -24.87
CA ILE A 56 -6.67 -20.67 -23.72
C ILE A 56 -5.66 -19.53 -23.78
N ILE A 57 -4.39 -19.85 -24.07
CA ILE A 57 -3.36 -18.82 -24.14
C ILE A 57 -3.65 -17.86 -25.28
N ASN A 58 -4.17 -18.39 -26.40
CA ASN A 58 -4.59 -17.51 -27.49
C ASN A 58 -5.66 -16.54 -27.03
N ASP A 59 -6.59 -17.01 -26.19
CA ASP A 59 -7.62 -16.13 -25.66
C ASP A 59 -7.04 -15.09 -24.70
N VAL A 60 -6.01 -15.44 -23.95
CA VAL A 60 -5.37 -14.47 -23.06
C VAL A 60 -4.84 -13.30 -23.88
N GLU A 61 -4.15 -13.60 -24.99
CA GLU A 61 -3.61 -12.54 -25.84
C GLU A 61 -4.72 -11.76 -26.54
N LYS A 62 -5.76 -12.45 -26.99
CA LYS A 62 -6.70 -11.82 -27.90
C LYS A 62 -7.80 -11.05 -27.18
N ILE A 63 -8.25 -11.53 -26.03
CA ILE A 63 -9.41 -10.94 -25.36
C ILE A 63 -9.14 -10.53 -23.91
N ILE A 64 -8.15 -11.11 -23.23
CA ILE A 64 -7.84 -10.70 -21.87
C ILE A 64 -6.92 -9.49 -21.91
N MET A 65 -5.78 -9.63 -22.61
CA MET A 65 -4.79 -8.56 -22.63
C MET A 65 -5.36 -7.21 -23.04
N PRO A 66 -6.24 -7.11 -24.04
CA PRO A 66 -6.79 -5.78 -24.39
C PRO A 66 -7.47 -5.08 -23.24
N GLY A 67 -7.93 -5.80 -22.22
CA GLY A 67 -8.55 -5.21 -21.06
C GLY A 67 -7.67 -5.14 -19.84
N VAL A 68 -6.36 -5.33 -19.98
CA VAL A 68 -5.44 -5.34 -18.85
C VAL A 68 -4.83 -3.96 -18.69
N THR A 69 -4.85 -3.45 -17.46
CA THR A 69 -4.02 -2.31 -17.09
C THR A 69 -2.66 -2.85 -16.66
N HIS A 70 -1.61 -2.42 -17.37
CA HIS A 70 -0.28 -3.00 -17.16
C HIS A 70 0.43 -2.24 -16.05
N TRP A 71 0.22 -2.72 -14.83
CA TRP A 71 0.78 -2.09 -13.64
C TRP A 71 2.30 -2.11 -13.63
N HIS A 72 2.92 -3.03 -14.36
CA HIS A 72 4.37 -3.18 -14.36
C HIS A 72 5.02 -2.58 -15.59
N SER A 73 4.24 -1.92 -16.44
CA SER A 73 4.83 -1.10 -17.49
C SER A 73 5.59 0.07 -16.87
N PRO A 74 6.75 0.42 -17.41
CA PRO A 74 7.48 1.59 -16.89
C PRO A 74 6.68 2.87 -16.92
N TYR A 75 5.66 2.96 -17.77
CA TYR A 75 4.85 4.17 -17.93
C TYR A 75 3.63 4.18 -17.03
N PHE A 76 3.49 3.19 -16.14
CA PHE A 76 2.43 3.20 -15.14
C PHE A 76 2.90 4.02 -13.95
N PHE A 77 2.34 5.20 -13.76
CA PHE A 77 2.72 6.08 -12.66
C PHE A 77 1.53 6.39 -11.75
N ALA A 78 0.64 5.43 -11.58
CA ALA A 78 -0.62 5.63 -10.87
C ALA A 78 -0.59 4.96 -9.50
N TYR A 79 -1.41 5.49 -8.60
CA TYR A 79 -1.57 4.98 -7.24
C TYR A 79 -0.22 4.81 -6.54
N PHE A 80 0.12 3.56 -6.24
CA PHE A 80 1.40 3.19 -5.65
C PHE A 80 1.85 1.91 -6.34
N PRO A 81 3.14 1.59 -6.31
CA PRO A 81 3.61 0.37 -6.99
C PRO A 81 2.96 -0.90 -6.45
N THR A 82 2.79 -1.87 -7.34
CA THR A 82 2.46 -3.24 -6.99
C THR A 82 3.69 -4.11 -7.16
N ALA A 83 3.98 -4.93 -6.15
CA ALA A 83 5.17 -5.75 -6.15
C ALA A 83 5.04 -6.87 -7.17
N SER A 84 6.06 -7.01 -8.02
CA SER A 84 6.20 -8.17 -8.88
C SER A 84 7.67 -8.43 -9.06
N SER A 85 8.13 -9.57 -8.55
CA SER A 85 9.52 -9.99 -8.70
C SER A 85 9.52 -11.48 -8.98
N TYR A 86 10.49 -11.92 -9.78
CA TYR A 86 10.60 -13.32 -10.14
C TYR A 86 10.90 -14.22 -8.93
N PRO A 87 11.71 -13.79 -7.95
CA PRO A 87 11.87 -14.63 -6.74
C PRO A 87 10.55 -14.93 -6.05
N ALA A 88 9.67 -13.93 -5.94
CA ALA A 88 8.36 -14.16 -5.34
C ALA A 88 7.51 -15.07 -6.23
N MET A 89 7.60 -14.90 -7.55
CA MET A 89 6.88 -15.78 -8.47
C MET A 89 7.32 -17.22 -8.33
N LEU A 90 8.63 -17.46 -8.18
CA LEU A 90 9.12 -18.82 -8.00
C LEU A 90 8.60 -19.42 -6.70
N ALA A 91 8.49 -18.61 -5.64
CA ALA A 91 7.97 -19.13 -4.38
C ALA A 91 6.48 -19.46 -4.49
N ASP A 92 5.72 -18.61 -5.19
CA ASP A 92 4.30 -18.88 -5.36
C ASP A 92 4.06 -20.20 -6.07
N MET A 93 4.94 -20.58 -7.00
CA MET A 93 4.79 -21.86 -7.68
C MET A 93 4.91 -23.02 -6.69
N LEU A 94 5.88 -22.91 -5.76
CA LEU A 94 6.03 -23.93 -4.74
C LEU A 94 4.86 -23.92 -3.77
N CYS A 95 4.30 -22.74 -3.48
CA CYS A 95 3.17 -22.66 -2.57
C CYS A 95 1.96 -23.42 -3.09
N GLY A 96 1.77 -23.46 -4.40
CA GLY A 96 0.68 -24.24 -4.97
C GLY A 96 0.80 -25.73 -4.74
N ALA A 97 1.99 -26.20 -4.38
CA ALA A 97 2.21 -27.62 -4.13
C ALA A 97 2.34 -27.96 -2.65
N ILE A 98 2.92 -27.07 -1.84
CA ILE A 98 3.17 -27.36 -0.43
C ILE A 98 2.43 -26.41 0.51
N GLY A 99 1.84 -25.34 0.00
CA GLY A 99 0.96 -24.52 0.83
C GLY A 99 -0.34 -25.24 1.10
N CYS A 100 -1.08 -24.71 2.08
CA CYS A 100 -2.33 -25.35 2.46
C CYS A 100 -3.39 -24.32 2.85
N ILE A 101 -3.38 -23.92 4.11
CA ILE A 101 -4.45 -23.12 4.68
C ILE A 101 -3.95 -22.55 6.00
N GLY A 102 -2.98 -23.23 6.61
CA GLY A 102 -2.19 -22.69 7.71
C GLY A 102 -2.96 -22.07 8.86
N PHE A 103 -4.14 -22.62 9.17
CA PHE A 103 -4.92 -22.09 10.28
C PHE A 103 -4.31 -22.43 11.62
N SER A 104 -3.47 -23.46 11.70
CA SER A 104 -2.82 -23.85 12.93
C SER A 104 -1.38 -24.28 12.63
N TRP A 105 -0.59 -24.41 13.69
CA TRP A 105 0.78 -24.88 13.52
C TRP A 105 0.80 -26.29 12.93
N ALA A 106 -0.08 -27.17 13.43
CA ALA A 106 -0.12 -28.54 12.97
C ALA A 106 -0.62 -28.66 11.52
N ALA A 107 -1.33 -27.65 11.02
CA ALA A 107 -1.77 -27.68 9.63
C ALA A 107 -0.60 -27.80 8.68
N SER A 108 0.54 -27.19 9.02
CA SER A 108 1.83 -27.32 8.36
C SER A 108 2.84 -26.50 9.17
N PRO A 109 3.65 -27.15 10.01
CA PRO A 109 4.58 -26.40 10.88
C PRO A 109 5.49 -25.43 10.14
N ALA A 110 6.07 -25.84 9.01
CA ALA A 110 7.00 -24.97 8.30
C ALA A 110 6.38 -23.64 7.94
N CYS A 111 5.09 -23.64 7.60
CA CYS A 111 4.41 -22.39 7.25
CA CYS A 111 4.38 -22.40 7.26
C CYS A 111 4.45 -21.40 8.41
N THR A 112 4.08 -21.85 9.60
CA THR A 112 4.07 -20.95 10.76
C THR A 112 5.49 -20.59 11.20
N GLU A 113 6.41 -21.55 11.15
CA GLU A 113 7.77 -21.32 11.61
C GLU A 113 8.47 -20.27 10.75
N LEU A 114 8.40 -20.41 9.43
CA LEU A 114 9.08 -19.48 8.54
C LEU A 114 8.53 -18.07 8.67
N GLU A 115 7.22 -17.95 8.86
CA GLU A 115 6.62 -16.63 9.02
C GLU A 115 7.16 -15.91 10.25
N THR A 116 7.29 -16.64 11.36
CA THR A 116 7.82 -16.05 12.58
C THR A 116 9.24 -15.55 12.38
N VAL A 117 10.07 -16.33 11.68
CA VAL A 117 11.46 -15.92 11.46
C VAL A 117 11.54 -14.78 10.45
N MET A 118 10.73 -14.85 9.39
CA MET A 118 10.78 -13.82 8.36
C MET A 118 10.33 -12.46 8.91
N MET A 119 9.36 -12.45 9.81
CA MET A 119 8.94 -11.19 10.43
C MET A 119 10.03 -10.63 11.34
N ASP A 120 10.87 -11.51 11.91
CA ASP A 120 12.02 -11.03 12.66
C ASP A 120 13.11 -10.50 11.74
N TRP A 121 13.36 -11.19 10.63
CA TRP A 121 14.26 -10.68 9.60
C TRP A 121 13.87 -9.26 9.19
N LEU A 122 12.60 -9.08 8.82
CA LEU A 122 12.12 -7.79 8.34
C LEU A 122 12.12 -6.76 9.46
N GLY A 123 11.72 -7.16 10.66
CA GLY A 123 11.72 -6.23 11.78
C GLY A 123 13.12 -5.71 12.08
N LYS A 124 14.13 -6.56 11.94
CA LYS A 124 15.50 -6.12 12.14
C LYS A 124 15.99 -5.26 10.98
N MET A 125 15.55 -5.57 9.76
CA MET A 125 15.90 -4.73 8.62
C MET A 125 15.36 -3.31 8.80
N LEU A 126 14.19 -3.18 9.41
CA LEU A 126 13.62 -1.87 9.67
C LEU A 126 14.14 -1.24 10.95
N GLU A 127 15.03 -1.93 11.67
CA GLU A 127 15.53 -1.49 12.97
C GLU A 127 14.38 -1.14 13.90
N LEU A 128 13.36 -2.02 13.91
CA LEU A 128 12.21 -1.83 14.77
C LEU A 128 12.63 -1.99 16.24
N PRO A 129 11.94 -1.30 17.15
CA PRO A 129 12.18 -1.55 18.58
C PRO A 129 11.99 -3.01 18.92
N LYS A 130 12.87 -3.53 19.77
CA LYS A 130 12.90 -4.96 20.05
C LYS A 130 11.59 -5.48 20.63
N ALA A 131 10.74 -4.59 21.16
CA ALA A 131 9.45 -5.00 21.71
C ALA A 131 8.51 -5.53 20.64
N PHE A 132 8.81 -5.32 19.36
CA PHE A 132 7.97 -5.80 18.26
C PHE A 132 8.38 -7.17 17.75
N LEU A 133 9.53 -7.70 18.16
CA LEU A 133 10.10 -8.88 17.53
C LEU A 133 9.65 -10.17 18.23
N ASN A 134 9.34 -11.18 17.41
CA ASN A 134 9.14 -12.54 17.91
C ASN A 134 10.35 -13.09 18.65
N GLU A 135 11.51 -12.49 18.44
CA GLU A 135 12.79 -13.10 18.73
C GLU A 135 13.10 -13.11 20.23
N LYS A 136 13.90 -14.11 20.63
CA LYS A 136 14.47 -14.21 21.99
C LYS A 136 13.41 -13.99 23.06
N ALA A 137 12.30 -14.73 22.94
CA ALA A 137 11.23 -14.78 23.93
C ALA A 137 10.63 -13.39 24.21
N GLY A 138 10.65 -12.51 23.21
CA GLY A 138 9.96 -11.25 23.36
C GLY A 138 8.46 -11.43 23.34
N GLU A 139 7.76 -10.60 24.13
CA GLU A 139 6.31 -10.72 24.21
C GLU A 139 5.63 -10.21 22.94
N GLY A 140 6.32 -9.42 22.12
CA GLY A 140 5.77 -8.94 20.87
C GLY A 140 6.05 -9.87 19.71
N GLY A 141 5.56 -9.49 18.54
CA GLY A 141 5.78 -10.30 17.36
C GLY A 141 5.00 -9.79 16.17
N GLY A 142 5.30 -10.40 15.03
CA GLY A 142 4.70 -10.00 13.77
C GLY A 142 3.99 -11.16 13.10
N VAL A 143 2.97 -10.82 12.31
CA VAL A 143 2.24 -11.77 11.50
C VAL A 143 2.06 -11.17 10.11
N ILE A 144 1.89 -12.05 9.13
CA ILE A 144 1.59 -11.63 7.77
C ILE A 144 0.07 -11.57 7.60
N GLN A 145 -0.44 -10.40 7.25
CA GLN A 145 -1.85 -10.26 6.90
C GLN A 145 -2.00 -10.15 5.39
N GLY A 146 -3.26 -10.26 4.93
CA GLY A 146 -3.53 -10.20 3.51
C GLY A 146 -3.47 -8.81 2.91
N SER A 147 -3.60 -7.78 3.72
CA SER A 147 -3.63 -6.41 3.24
C SER A 147 -3.47 -5.47 4.43
N ALA A 148 -3.05 -4.24 4.13
CA ALA A 148 -3.00 -3.22 5.17
C ALA A 148 -4.41 -2.87 5.66
N SER A 149 -5.41 -2.96 4.78
CA SER A 149 -6.79 -2.76 5.20
C SER A 149 -7.19 -3.78 6.26
N GLU A 150 -6.79 -5.03 6.05
CA GLU A 150 -7.07 -6.07 7.03
C GLU A 150 -6.28 -5.84 8.33
N ALA A 151 -5.03 -5.41 8.20
CA ALA A 151 -4.21 -5.14 9.38
C ALA A 151 -4.80 -4.02 10.22
N THR A 152 -5.28 -2.95 9.58
CA THR A 152 -5.91 -1.86 10.32
C THR A 152 -7.18 -2.35 11.01
N LEU A 153 -8.00 -3.15 10.31
CA LEU A 153 -9.19 -3.72 10.92
C LEU A 153 -8.83 -4.58 12.13
N VAL A 154 -7.79 -5.42 12.00
CA VAL A 154 -7.39 -6.29 13.10
C VAL A 154 -6.97 -5.45 14.30
N ALA A 155 -6.22 -4.37 14.07
CA ALA A 155 -5.81 -3.51 15.16
C ALA A 155 -7.01 -2.84 15.83
N LEU A 156 -7.97 -2.38 15.03
CA LEU A 156 -9.15 -1.73 15.59
C LEU A 156 -9.95 -2.70 16.45
N LEU A 157 -10.12 -3.94 15.99
CA LEU A 157 -10.87 -4.92 16.75
C LEU A 157 -10.16 -5.27 18.05
N ALA A 158 -8.83 -5.38 18.01
CA ALA A 158 -8.07 -5.63 19.23
C ALA A 158 -8.23 -4.46 20.20
N ALA A 159 -8.17 -3.23 19.68
CA ALA A 159 -8.38 -2.06 20.53
C ALA A 159 -9.81 -2.02 21.06
N ARG A 160 -10.78 -2.38 20.22
CA ARG A 160 -12.17 -2.38 20.65
C ARG A 160 -12.39 -3.37 21.79
N THR A 161 -11.83 -4.58 21.66
CA THR A 161 -11.99 -5.59 22.70
C THR A 161 -11.33 -5.13 24.01
N LYS A 162 -10.15 -4.52 23.92
CA LYS A 162 -9.44 -4.12 25.13
C LYS A 162 -10.17 -3.03 25.89
N VAL A 163 -10.72 -2.04 25.19
CA VAL A 163 -11.36 -0.92 25.88
C VAL A 163 -12.70 -1.34 26.47
N ILE A 164 -13.42 -2.26 25.82
CA ILE A 164 -14.67 -2.75 26.39
C ILE A 164 -14.40 -3.49 27.69
N HIS A 165 -13.38 -4.34 27.71
CA HIS A 165 -13.03 -5.06 28.93
C HIS A 165 -12.57 -4.10 30.02
N ARG A 166 -11.84 -3.05 29.64
CA ARG A 166 -11.36 -2.09 30.63
C ARG A 166 -12.51 -1.33 31.25
N LEU A 167 -13.43 -0.83 30.42
CA LEU A 167 -14.56 -0.05 30.93
C LEU A 167 -15.53 -0.91 31.72
N GLN A 168 -15.68 -2.19 31.34
CA GLN A 168 -16.54 -3.08 32.10
C GLN A 168 -15.90 -3.47 33.43
N ALA A 169 -14.56 -3.54 33.47
CA ALA A 169 -13.90 -3.77 34.75
C ALA A 169 -14.06 -2.57 35.67
N ALA A 170 -13.92 -1.35 35.14
CA ALA A 170 -14.10 -0.16 35.96
C ALA A 170 -15.54 0.02 36.39
N SER A 171 -16.49 -0.29 35.50
CA SER A 171 -17.91 -0.13 35.77
C SER A 171 -18.64 -1.36 35.26
N PRO A 172 -18.81 -2.39 36.10
CA PRO A 172 -19.54 -3.59 35.66
C PRO A 172 -20.99 -3.33 35.28
N GLU A 173 -21.48 -2.11 35.48
CA GLU A 173 -22.85 -1.72 35.13
C GLU A 173 -23.04 -1.47 33.65
N LEU A 174 -21.98 -1.57 32.85
CA LEU A 174 -22.01 -1.21 31.43
C LEU A 174 -22.06 -2.44 30.55
N THR A 175 -22.92 -2.39 29.54
CA THR A 175 -22.96 -3.39 28.49
C THR A 175 -21.99 -3.02 27.38
N GLN A 176 -21.73 -3.99 26.50
CA GLN A 176 -20.84 -3.72 25.37
C GLN A 176 -21.41 -2.64 24.46
N ALA A 177 -22.73 -2.66 24.25
CA ALA A 177 -23.34 -1.70 23.32
C ALA A 177 -23.29 -0.28 23.87
N ALA A 178 -23.54 -0.11 25.18
CA ALA A 178 -23.50 1.23 25.76
C ALA A 178 -22.11 1.84 25.61
N ILE A 179 -21.07 1.02 25.72
CA ILE A 179 -19.72 1.47 25.43
C ILE A 179 -19.56 1.80 23.95
N MET A 180 -20.21 1.01 23.09
CA MET A 180 -19.98 1.11 21.64
C MET A 180 -20.30 2.50 21.11
N GLU A 181 -21.45 3.07 21.49
CA GLU A 181 -21.85 4.35 20.95
C GLU A 181 -21.09 5.53 21.54
N LYS A 182 -20.18 5.29 22.48
CA LYS A 182 -19.30 6.35 22.97
C LYS A 182 -17.89 6.26 22.40
N LEU A 183 -17.48 5.09 21.92
CA LEU A 183 -16.14 4.94 21.36
C LEU A 183 -15.98 5.84 20.13
N VAL A 184 -14.78 6.39 19.97
CA VAL A 184 -14.42 7.13 18.78
C VAL A 184 -12.98 6.79 18.41
N ALA A 185 -12.74 6.57 17.12
CA ALA A 185 -11.41 6.35 16.58
C ALA A 185 -10.96 7.60 15.82
N TYR A 186 -9.66 7.73 15.66
CA TYR A 186 -9.08 8.89 15.01
C TYR A 186 -8.17 8.48 13.86
N SER A 187 -8.01 9.40 12.92
CA SER A 187 -7.05 9.29 11.84
C SER A 187 -6.88 10.67 11.23
N SER A 188 -5.84 10.82 10.42
CA SER A 188 -5.63 12.09 9.73
C SER A 188 -6.74 12.33 8.70
N ASP A 189 -6.90 13.58 8.29
CA ASP A 189 -7.78 13.84 7.16
C ASP A 189 -7.18 13.36 5.84
N GLN A 190 -5.95 12.85 5.87
CA GLN A 190 -5.30 12.25 4.70
C GLN A 190 -5.30 10.73 4.77
N ALA A 191 -6.01 10.14 5.73
CA ALA A 191 -5.95 8.70 5.93
C ALA A 191 -6.61 7.95 4.78
N HIS A 192 -6.12 6.73 4.54
CA HIS A 192 -6.68 5.86 3.52
C HIS A 192 -8.10 5.45 3.89
N SER A 193 -8.90 5.13 2.88
CA SER A 193 -10.30 4.77 3.11
C SER A 193 -10.44 3.51 3.96
N SER A 194 -9.39 2.72 4.09
CA SER A 194 -9.46 1.50 4.90
C SER A 194 -9.75 1.80 6.36
N VAL A 195 -9.34 2.97 6.85
CA VAL A 195 -9.63 3.34 8.23
C VAL A 195 -11.13 3.50 8.43
N GLU A 196 -11.79 4.26 7.55
CA GLU A 196 -13.24 4.40 7.62
C GLU A 196 -13.93 3.05 7.49
N ARG A 197 -13.44 2.21 6.57
CA ARG A 197 -14.00 0.87 6.40
C ARG A 197 -13.90 0.08 7.70
N ALA A 198 -12.75 0.14 8.36
CA ALA A 198 -12.57 -0.59 9.62
C ALA A 198 -13.52 -0.07 10.69
N GLY A 199 -13.71 1.26 10.75
CA GLY A 199 -14.63 1.82 11.73
C GLY A 199 -16.06 1.40 11.47
N LEU A 200 -16.47 1.34 10.21
CA LEU A 200 -17.82 0.89 9.88
C LEU A 200 -18.01 -0.57 10.23
N ILE A 201 -17.04 -1.42 9.89
CA ILE A 201 -17.11 -2.84 10.25
C ILE A 201 -17.17 -2.99 11.76
N GLY A 202 -16.27 -2.31 12.47
CA GLY A 202 -16.21 -2.41 13.92
C GLY A 202 -17.38 -1.77 14.63
N GLY A 203 -18.15 -0.92 13.94
CA GLY A 203 -19.30 -0.29 14.55
C GLY A 203 -18.98 0.88 15.47
N VAL A 204 -17.90 1.61 15.20
CA VAL A 204 -17.48 2.72 16.03
C VAL A 204 -17.40 3.99 15.18
N LYS A 205 -17.47 5.13 15.85
CA LYS A 205 -17.33 6.42 15.20
C LYS A 205 -15.88 6.68 14.84
N LEU A 206 -15.69 7.41 13.74
CA LEU A 206 -14.36 7.81 13.29
C LEU A 206 -14.38 9.31 12.99
N LYS A 207 -13.37 10.02 13.48
CA LYS A 207 -13.22 11.44 13.23
C LYS A 207 -11.84 11.72 12.68
N ALA A 208 -11.76 12.65 11.72
CA ALA A 208 -10.50 13.01 11.10
C ALA A 208 -9.83 14.15 11.88
N ILE A 209 -8.52 14.04 12.06
CA ILE A 209 -7.73 15.11 12.66
C ILE A 209 -7.27 16.03 11.54
N PRO A 210 -7.48 17.34 11.65
CA PRO A 210 -6.99 18.25 10.61
C PRO A 210 -5.47 18.22 10.54
N SER A 211 -4.95 18.12 9.33
CA SER A 211 -3.51 18.10 9.12
C SER A 211 -2.96 19.51 9.00
N ASP A 212 -1.64 19.64 9.17
CA ASP A 212 -1.00 20.94 9.11
C ASP A 212 -0.66 21.30 7.67
N GLY A 213 0.18 22.32 7.49
CA GLY A 213 0.56 22.77 6.16
C GLY A 213 1.32 21.74 5.35
N ASN A 214 1.99 20.80 6.02
CA ASN A 214 2.65 19.69 5.36
C ASN A 214 1.79 18.45 5.30
N PHE A 215 0.49 18.59 5.61
CA PHE A 215 -0.47 17.49 5.59
C PHE A 215 -0.08 16.39 6.57
N ALA A 216 0.47 16.80 7.71
CA ALA A 216 0.89 15.91 8.78
C ALA A 216 0.01 16.12 10.01
N MET A 217 -0.22 15.03 10.74
CA MET A 217 -0.94 15.12 11.99
C MET A 217 -0.01 15.58 13.10
N ARG A 218 -0.46 16.57 13.86
CA ARG A 218 0.37 17.26 14.84
C ARG A 218 -0.30 17.20 16.21
N ALA A 219 0.50 17.44 17.24
CA ALA A 219 0.02 17.35 18.61
C ALA A 219 -1.11 18.36 18.88
N SER A 220 -0.98 19.58 18.35
CA SER A 220 -1.96 20.62 18.66
C SER A 220 -3.33 20.27 18.11
N ALA A 221 -3.39 19.75 16.88
CA ALA A 221 -4.68 19.38 16.30
C ALA A 221 -5.29 18.18 17.03
N LEU A 222 -4.46 17.21 17.41
CA LEU A 222 -4.96 16.06 18.15
C LEU A 222 -5.50 16.45 19.51
N GLN A 223 -4.79 17.33 20.22
CA GLN A 223 -5.23 17.74 21.55
C GLN A 223 -6.53 18.55 21.46
N GLU A 224 -6.68 19.35 20.40
CA GLU A 224 -7.92 20.10 20.20
C GLU A 224 -9.10 19.17 20.01
N ALA A 225 -8.93 18.10 19.23
CA ALA A 225 -10.03 17.17 18.98
C ALA A 225 -10.36 16.37 20.25
N LEU A 226 -9.33 15.92 20.97
CA LEU A 226 -9.56 15.19 22.21
C LEU A 226 -10.33 16.05 23.22
N GLU A 227 -9.94 17.31 23.35
CA GLU A 227 -10.63 18.21 24.28
C GLU A 227 -12.10 18.32 23.94
N ARG A 228 -12.42 18.45 22.65
CA ARG A 228 -13.81 18.58 22.23
C ARG A 228 -14.58 17.28 22.46
N ASP A 229 -14.00 16.14 22.04
CA ASP A 229 -14.76 14.89 22.05
C ASP A 229 -14.92 14.32 23.45
N LYS A 230 -13.88 14.43 24.29
CA LYS A 230 -14.00 13.96 25.67
C LYS A 230 -15.05 14.77 26.43
N ALA A 231 -15.14 16.08 26.15
CA ALA A 231 -16.17 16.89 26.78
C ALA A 231 -17.56 16.49 26.30
N ALA A 232 -17.68 15.98 25.07
CA ALA A 232 -18.96 15.57 24.53
C ALA A 232 -19.38 14.18 24.98
N GLY A 233 -18.54 13.48 25.74
CA GLY A 233 -18.85 12.15 26.21
C GLY A 233 -18.29 11.02 25.38
N LEU A 234 -17.52 11.32 24.34
CA LEU A 234 -16.91 10.28 23.52
C LEU A 234 -15.68 9.71 24.23
N ILE A 235 -15.36 8.47 23.91
CA ILE A 235 -14.25 7.76 24.51
C ILE A 235 -13.25 7.41 23.42
N PRO A 236 -12.19 8.21 23.25
CA PRO A 236 -11.13 7.85 22.30
C PRO A 236 -10.48 6.52 22.69
N PHE A 237 -10.38 5.62 21.72
CA PHE A 237 -9.81 4.30 21.98
C PHE A 237 -8.85 3.81 20.93
N PHE A 238 -8.84 4.38 19.72
CA PHE A 238 -8.04 3.83 18.63
C PHE A 238 -7.59 4.98 17.73
N MET A 239 -6.38 4.87 17.21
CA MET A 239 -5.81 5.91 16.37
C MET A 239 -4.99 5.27 15.27
N VAL A 240 -5.22 5.70 14.04
CA VAL A 240 -4.37 5.33 12.90
C VAL A 240 -3.54 6.54 12.53
N ALA A 241 -2.25 6.48 12.82
CA ALA A 241 -1.29 7.45 12.32
C ALA A 241 -0.66 6.89 11.04
N THR A 242 -0.49 7.75 10.04
CA THR A 242 -0.06 7.32 8.73
C THR A 242 1.33 7.88 8.40
N LEU A 243 2.23 6.98 8.00
CA LEU A 243 3.53 7.34 7.46
C LEU A 243 3.49 7.06 5.97
N GLY A 244 3.40 8.12 5.16
CA GLY A 244 3.27 7.95 3.72
C GLY A 244 1.83 7.89 3.28
N THR A 245 1.12 9.02 3.40
CA THR A 245 -0.29 9.06 3.06
C THR A 245 -0.51 8.80 1.58
N THR A 246 -1.66 8.18 1.27
CA THR A 246 -1.97 7.83 -0.12
C THR A 246 -2.16 9.06 -0.99
N THR A 247 -2.56 10.18 -0.39
CA THR A 247 -2.78 11.39 -1.17
C THR A 247 -1.46 12.00 -1.62
N CYS A 248 -0.56 12.28 -0.67
CA CYS A 248 0.63 13.06 -0.98
C CYS A 248 1.90 12.56 -0.30
N CYS A 249 1.88 11.35 0.27
CA CYS A 249 3.05 10.78 0.95
C CYS A 249 3.58 11.74 2.01
N SER A 250 2.67 12.25 2.84
CA SER A 250 3.05 13.00 4.03
C SER A 250 3.19 12.04 5.21
N PHE A 251 3.71 12.55 6.31
CA PHE A 251 4.07 11.72 7.46
C PHE A 251 3.50 12.33 8.73
N ASP A 252 2.63 11.60 9.42
CA ASP A 252 2.16 12.03 10.72
C ASP A 252 3.31 12.03 11.72
N ASN A 253 3.29 12.98 12.64
CA ASN A 253 4.40 13.17 13.57
C ASN A 253 4.22 12.23 14.75
N LEU A 254 4.88 11.08 14.69
CA LEU A 254 4.76 10.07 15.75
C LEU A 254 5.36 10.55 17.06
N LEU A 255 6.45 11.33 17.01
CA LEU A 255 7.07 11.82 18.22
C LEU A 255 6.15 12.74 19.01
N GLU A 256 5.15 13.33 18.36
CA GLU A 256 4.17 14.18 19.02
C GLU A 256 2.90 13.42 19.41
N VAL A 257 2.33 12.64 18.47
CA VAL A 257 1.07 11.97 18.76
C VAL A 257 1.26 10.68 19.56
N GLY A 258 2.44 10.07 19.51
CA GLY A 258 2.71 8.86 20.22
C GLY A 258 2.53 8.99 21.73
N PRO A 259 3.29 9.91 22.34
CA PRO A 259 3.13 10.15 23.79
C PRO A 259 1.72 10.53 24.18
N ILE A 260 1.00 11.28 23.34
CA ILE A 260 -0.38 11.65 23.63
C ILE A 260 -1.26 10.41 23.67
N CYS A 261 -1.12 9.54 22.68
CA CYS A 261 -1.92 8.32 22.63
C CYS A 261 -1.62 7.42 23.83
N ASN A 262 -0.34 7.31 24.20
CA ASN A 262 0.00 6.50 25.38
C ASN A 262 -0.64 7.05 26.63
N LYS A 263 -0.62 8.38 26.80
CA LYS A 263 -1.23 9.02 27.97
C LYS A 263 -2.72 8.77 28.00
N GLU A 264 -3.40 8.96 26.87
CA GLU A 264 -4.84 8.82 26.76
C GLU A 264 -5.30 7.38 26.75
N ASP A 265 -4.37 6.42 26.76
CA ASP A 265 -4.68 5.00 26.58
C ASP A 265 -5.41 4.75 25.26
N ILE A 266 -4.97 5.44 24.21
CA ILE A 266 -5.46 5.21 22.86
C ILE A 266 -4.52 4.25 22.17
N TRP A 267 -5.08 3.14 21.65
CA TRP A 267 -4.28 2.22 20.84
C TRP A 267 -3.79 2.94 19.59
N LEU A 268 -2.47 3.02 19.44
CA LEU A 268 -1.84 3.69 18.31
C LEU A 268 -1.43 2.64 17.28
N HIS A 269 -2.11 2.65 16.14
CA HIS A 269 -1.74 1.83 14.99
C HIS A 269 -1.08 2.71 13.95
N VAL A 270 0.09 2.29 13.47
CA VAL A 270 0.82 3.04 12.46
C VAL A 270 0.62 2.35 11.12
N ASP A 271 -0.04 3.05 10.19
CA ASP A 271 -0.26 2.60 8.83
C ASP A 271 0.85 3.20 7.96
N ALA A 272 1.79 2.37 7.53
CA ALA A 272 2.87 2.78 6.66
C ALA A 272 2.92 1.91 5.41
N ALA A 273 1.73 1.59 4.88
CA ALA A 273 1.59 0.53 3.87
C ALA A 273 2.57 0.69 2.72
N TYR A 274 2.72 1.92 2.20
CA TYR A 274 3.66 2.17 1.11
C TYR A 274 5.05 2.53 1.63
N ALA A 275 5.13 3.56 2.48
CA ALA A 275 6.42 4.13 2.86
C ALA A 275 7.26 3.18 3.70
N GLY A 276 6.65 2.19 4.34
CA GLY A 276 7.39 1.33 5.27
C GLY A 276 8.59 0.65 4.64
N SER A 277 8.51 0.34 3.35
CA SER A 277 9.60 -0.37 2.69
C SER A 277 10.88 0.45 2.67
N ALA A 278 10.78 1.77 2.55
CA ALA A 278 11.96 2.62 2.50
C ALA A 278 12.71 2.67 3.83
N PHE A 279 12.06 2.30 4.93
CA PHE A 279 12.71 2.38 6.24
C PHE A 279 13.80 1.33 6.43
N ILE A 280 14.02 0.44 5.46
CA ILE A 280 15.20 -0.42 5.48
C ILE A 280 16.47 0.33 5.11
N CYS A 281 16.34 1.56 4.60
CA CYS A 281 17.48 2.41 4.26
C CYS A 281 17.77 3.36 5.41
N PRO A 282 19.01 3.43 5.88
CA PRO A 282 19.32 4.29 7.03
C PRO A 282 18.95 5.76 6.81
N GLU A 283 19.07 6.27 5.59
CA GLU A 283 18.75 7.67 5.33
C GLU A 283 17.27 7.98 5.42
N PHE A 284 16.40 6.97 5.42
CA PHE A 284 14.97 7.17 5.58
C PHE A 284 14.43 6.66 6.91
N ARG A 285 15.26 5.99 7.72
CA ARG A 285 14.77 5.40 8.96
C ARG A 285 14.25 6.45 9.94
N HIS A 286 14.76 7.68 9.85
CA HIS A 286 14.29 8.73 10.74
C HIS A 286 12.80 9.02 10.56
N LEU A 287 12.26 8.73 9.38
CA LEU A 287 10.82 8.92 9.14
C LEU A 287 9.97 7.99 9.99
N LEU A 288 10.55 6.93 10.54
CA LEU A 288 9.85 5.99 11.40
C LEU A 288 10.01 6.30 12.88
N ASN A 289 10.83 7.29 13.23
CA ASN A 289 11.05 7.65 14.63
C ASN A 289 9.72 7.92 15.32
N GLY A 290 9.57 7.38 16.52
CA GLY A 290 8.33 7.43 17.25
C GLY A 290 7.51 6.16 17.21
N VAL A 291 7.88 5.20 16.36
CA VAL A 291 7.18 3.92 16.33
C VAL A 291 7.29 3.19 17.66
N GLU A 292 8.28 3.55 18.49
CA GLU A 292 8.40 2.96 19.81
C GLU A 292 7.20 3.25 20.69
N PHE A 293 6.41 4.27 20.35
CA PHE A 293 5.18 4.60 21.06
C PHE A 293 3.97 3.85 20.54
N ALA A 294 4.07 3.23 19.37
CA ALA A 294 2.93 2.59 18.75
C ALA A 294 2.64 1.23 19.38
N ASP A 295 1.36 0.87 19.39
CA ASP A 295 0.94 -0.45 19.81
C ASP A 295 0.96 -1.47 18.69
N SER A 296 0.85 -1.02 17.44
CA SER A 296 0.97 -1.90 16.28
C SER A 296 1.50 -1.10 15.11
N PHE A 297 2.21 -1.78 14.22
CA PHE A 297 2.85 -1.16 13.06
C PHE A 297 2.68 -2.08 11.86
N ASN A 298 2.44 -1.48 10.69
CA ASN A 298 2.09 -2.25 9.50
C ASN A 298 2.61 -1.57 8.26
N PHE A 299 3.13 -2.38 7.33
CA PHE A 299 3.45 -1.91 5.99
C PHE A 299 3.32 -3.09 5.03
N ASN A 300 3.23 -2.77 3.74
CA ASN A 300 2.98 -3.78 2.71
C ASN A 300 4.25 -4.07 1.92
N PRO A 301 4.93 -5.20 2.18
CA PRO A 301 5.92 -5.67 1.19
C PRO A 301 5.35 -5.83 -0.19
N HIS A 302 4.04 -6.02 -0.32
CA HIS A 302 3.44 -6.21 -1.64
C HIS A 302 3.15 -4.90 -2.35
N1 LLP A 303 -2.96 2.64 3.59
C2 LLP A 303 -1.99 3.22 2.87
C2' LLP A 303 -1.27 4.30 3.37
C3 LLP A 303 -1.73 2.74 1.60
O3 LLP A 303 -0.75 3.34 0.87
C4 LLP A 303 -2.42 1.68 1.04
C4' LLP A 303 -2.12 1.24 -0.25
C5 LLP A 303 -3.43 1.07 1.78
C6 LLP A 303 -3.69 1.55 3.06
C5' LLP A 303 -4.15 0.01 1.25
OP4 LLP A 303 -3.59 -1.24 1.70
P LLP A 303 -4.04 -2.65 1.08
OP1 LLP A 303 -3.03 -3.68 1.43
OP2 LLP A 303 -5.35 -2.93 1.94
OP3 LLP A 303 -4.41 -2.46 -0.34
N LLP A 303 3.55 -3.77 -1.77
CA LLP A 303 3.63 -2.56 -2.57
CB LLP A 303 3.15 -1.34 -1.80
CG LLP A 303 1.65 -1.30 -1.58
CD LLP A 303 1.29 0.04 -0.96
CE LLP A 303 -0.14 0.41 -1.30
NZ LLP A 303 -0.70 1.34 -0.28
C LLP A 303 5.06 -2.33 -3.07
O LLP A 303 5.33 -2.45 -4.27
N TRP A 304 6.01 -2.04 -2.17
CA TRP A 304 7.28 -1.47 -2.59
C TRP A 304 8.46 -2.21 -1.97
N LEU A 305 8.30 -3.51 -1.74
CA LEU A 305 9.40 -4.38 -1.35
C LEU A 305 9.42 -5.69 -2.13
N LEU A 306 8.77 -5.73 -3.29
CA LEU A 306 8.96 -6.77 -4.31
C LEU A 306 8.42 -8.14 -3.89
N VAL A 307 7.57 -8.23 -2.88
CA VAL A 307 6.97 -9.49 -2.45
C VAL A 307 5.54 -9.50 -3.00
N ASN A 308 5.29 -10.32 -4.01
CA ASN A 308 4.01 -10.35 -4.71
C ASN A 308 2.83 -10.52 -3.76
N PHE A 309 1.78 -9.73 -4.00
CA PHE A 309 0.55 -9.79 -3.22
C PHE A 309 0.02 -11.23 -3.13
N ASP A 310 -0.45 -11.65 -1.95
CA ASP A 310 -0.59 -10.82 -0.74
C ASP A 310 0.52 -10.99 0.29
N CYS A 311 0.98 -9.87 0.85
CA CYS A 311 1.98 -9.90 1.92
C CYS A 311 1.92 -8.54 2.61
N SER A 312 1.25 -8.48 3.75
CA SER A 312 1.18 -7.28 4.57
C SER A 312 1.78 -7.61 5.93
N ALA A 313 2.83 -6.89 6.32
CA ALA A 313 3.60 -7.20 7.51
C ALA A 313 3.12 -6.35 8.67
N MET A 314 2.61 -6.99 9.71
CA MET A 314 2.09 -6.31 10.88
C MET A 314 2.80 -6.81 12.13
N TRP A 315 3.31 -5.86 12.93
CA TRP A 315 3.89 -6.17 14.23
C TRP A 315 3.00 -5.59 15.33
N VAL A 316 2.87 -6.33 16.42
CA VAL A 316 2.16 -5.88 17.61
C VAL A 316 3.10 -5.96 18.79
N LYS A 317 3.04 -4.97 19.69
CA LYS A 317 3.97 -4.94 20.82
C LYS A 317 3.74 -6.10 21.77
N LYS A 318 2.48 -6.51 21.95
CA LYS A 318 2.13 -7.64 22.81
C LYS A 318 1.24 -8.58 22.02
N ARG A 319 1.73 -9.80 21.75
CA ARG A 319 1.02 -10.70 20.85
C ARG A 319 -0.31 -11.18 21.43
N THR A 320 -0.42 -11.26 22.76
CA THR A 320 -1.66 -11.76 23.35
C THR A 320 -2.83 -10.81 23.12
N ASP A 321 -2.57 -9.54 22.78
CA ASP A 321 -3.65 -8.64 22.41
C ASP A 321 -4.41 -9.17 21.19
N LEU A 322 -3.71 -9.82 20.27
CA LEU A 322 -4.33 -10.48 19.12
C LEU A 322 -4.96 -11.81 19.55
N ARG A 355 -0.96 -18.95 6.59
CA ARG A 355 -2.23 -19.19 5.93
C ARG A 355 -2.02 -19.65 4.50
N ARG A 356 -1.13 -18.97 3.78
CA ARG A 356 -0.84 -19.34 2.40
C ARG A 356 0.63 -19.68 2.18
N PHE A 357 1.38 -19.89 3.25
CA PHE A 357 2.84 -19.97 3.18
C PHE A 357 3.40 -18.72 2.50
N ARG A 358 2.79 -17.58 2.84
CA ARG A 358 3.21 -16.32 2.26
C ARG A 358 4.62 -15.93 2.70
N SER A 359 5.13 -16.55 3.76
CA SER A 359 6.50 -16.31 4.19
C SER A 359 7.52 -16.89 3.23
N LEU A 360 7.13 -17.87 2.41
CA LEU A 360 8.04 -18.40 1.40
C LEU A 360 8.41 -17.33 0.38
N LYS A 361 7.44 -16.51 -0.04
CA LYS A 361 7.75 -15.40 -0.93
C LYS A 361 8.74 -14.44 -0.29
N MET A 362 8.52 -14.11 0.99
CA MET A 362 9.43 -13.20 1.69
C MET A 362 10.84 -13.78 1.76
N TRP A 363 10.93 -15.07 2.11
CA TRP A 363 12.21 -15.75 2.19
C TRP A 363 12.93 -15.71 0.85
N PHE A 364 12.22 -16.06 -0.23
CA PHE A 364 12.84 -16.05 -1.55
C PHE A 364 13.31 -14.65 -1.93
N VAL A 365 12.45 -13.64 -1.75
CA VAL A 365 12.79 -12.28 -2.17
C VAL A 365 14.00 -11.76 -1.38
N PHE A 366 13.97 -11.94 -0.06
CA PHE A 366 15.05 -11.44 0.78
C PHE A 366 16.37 -12.12 0.45
N ARG A 367 16.33 -13.39 0.05
CA ARG A 367 17.58 -14.14 -0.16
C ARG A 367 18.15 -13.92 -1.56
N MET A 368 17.30 -13.85 -2.59
CA MET A 368 17.81 -13.64 -3.95
C MET A 368 18.16 -12.19 -4.25
N TYR A 369 17.64 -11.25 -3.47
CA TYR A 369 18.05 -9.85 -3.62
C TYR A 369 19.08 -9.42 -2.59
N GLY A 370 18.98 -9.94 -1.37
CA GLY A 370 19.83 -9.46 -0.29
C GLY A 370 19.32 -8.13 0.25
N VAL A 371 19.74 -7.75 1.47
CA VAL A 371 19.33 -6.45 1.99
C VAL A 371 19.81 -5.33 1.08
N LYS A 372 21.03 -5.45 0.56
CA LYS A 372 21.58 -4.39 -0.28
C LYS A 372 20.87 -4.31 -1.62
N GLY A 373 20.39 -5.44 -2.15
CA GLY A 373 19.62 -5.38 -3.38
C GLY A 373 18.30 -4.66 -3.21
N LEU A 374 17.62 -4.89 -2.08
CA LEU A 374 16.37 -4.18 -1.80
C LEU A 374 16.63 -2.71 -1.54
N GLN A 375 17.74 -2.39 -0.87
CA GLN A 375 18.08 -0.99 -0.63
C GLN A 375 18.35 -0.26 -1.94
N ALA A 376 19.06 -0.90 -2.87
CA ALA A 376 19.32 -0.28 -4.16
C ALA A 376 18.04 -0.06 -4.93
N TYR A 377 17.09 -0.99 -4.81
CA TYR A 377 15.79 -0.85 -5.48
C TYR A 377 15.04 0.36 -4.95
N ILE A 378 14.97 0.50 -3.62
CA ILE A 378 14.30 1.65 -3.01
C ILE A 378 14.96 2.94 -3.45
N ARG A 379 16.29 3.00 -3.38
CA ARG A 379 17.01 4.24 -3.63
C ARG A 379 16.88 4.68 -5.08
N LYS A 380 16.85 3.71 -6.02
CA LYS A 380 16.66 4.05 -7.42
C LYS A 380 15.30 4.69 -7.65
N HIS A 381 14.25 4.15 -7.03
CA HIS A 381 12.92 4.71 -7.19
C HIS A 381 12.83 6.12 -6.60
N VAL A 382 13.47 6.36 -5.46
CA VAL A 382 13.46 7.69 -4.86
C VAL A 382 14.26 8.66 -5.72
N GLN A 383 15.40 8.21 -6.26
CA GLN A 383 16.16 9.04 -7.18
C GLN A 383 15.32 9.42 -8.40
N LEU A 384 14.58 8.47 -8.96
CA LEU A 384 13.74 8.76 -10.11
C LEU A 384 12.61 9.71 -9.74
N SER A 385 12.09 9.61 -8.51
CA SER A 385 11.09 10.56 -8.06
C SER A 385 11.63 11.99 -8.03
N HIS A 386 12.85 12.14 -7.51
CA HIS A 386 13.46 13.47 -7.48
C HIS A 386 13.80 13.96 -8.89
N GLU A 387 14.07 13.04 -9.82
CA GLU A 387 14.32 13.44 -11.20
C GLU A 387 13.07 14.06 -11.82
N PHE A 388 11.89 13.47 -11.56
CA PHE A 388 10.66 14.07 -12.06
C PHE A 388 10.39 15.40 -11.36
N GLU A 389 10.61 15.46 -10.04
CA GLU A 389 10.47 16.71 -9.31
C GLU A 389 11.35 17.81 -9.90
N SER A 390 12.60 17.46 -10.24
CA SER A 390 13.51 18.44 -10.82
C SER A 390 12.96 19.02 -12.11
N LEU A 391 12.34 18.18 -12.95
CA LEU A 391 11.79 18.67 -14.20
C LEU A 391 10.60 19.60 -13.96
N VAL A 392 9.70 19.24 -13.03
CA VAL A 392 8.56 20.08 -12.73
C VAL A 392 9.02 21.42 -12.19
N ARG A 393 10.07 21.41 -11.37
CA ARG A 393 10.57 22.65 -10.78
C ARG A 393 11.26 23.56 -11.78
N GLN A 394 11.46 23.11 -13.01
CA GLN A 394 12.04 23.95 -14.06
C GLN A 394 10.99 24.67 -14.88
N ASP A 395 9.71 24.40 -14.63
CA ASP A 395 8.61 24.99 -15.39
C ASP A 395 7.76 25.84 -14.47
N PRO A 396 7.84 27.17 -14.55
CA PRO A 396 7.07 28.03 -13.65
C PRO A 396 5.57 28.00 -13.89
N ARG A 397 5.09 27.29 -14.90
CA ARG A 397 3.66 27.09 -15.06
C ARG A 397 3.12 26.10 -14.03
N PHE A 398 3.99 25.31 -13.42
CA PHE A 398 3.62 24.26 -12.49
C PHE A 398 4.04 24.64 -11.08
N GLU A 399 3.53 23.89 -10.10
CA GLU A 399 3.96 24.03 -8.72
C GLU A 399 4.01 22.66 -8.06
N ILE A 400 4.96 22.49 -7.15
CA ILE A 400 5.02 21.29 -6.31
C ILE A 400 4.19 21.58 -5.06
N CYS A 401 3.23 20.71 -4.76
CA CYS A 401 2.31 20.96 -3.66
C CYS A 401 2.81 20.45 -2.31
N VAL A 402 3.56 19.35 -2.30
CA VAL A 402 4.04 18.75 -1.07
C VAL A 402 5.50 18.36 -1.26
N GLU A 403 6.27 18.43 -0.17
CA GLU A 403 7.67 18.05 -0.22
C GLU A 403 7.84 16.63 -0.75
N VAL A 404 8.78 16.46 -1.67
CA VAL A 404 9.07 15.16 -2.25
C VAL A 404 10.06 14.44 -1.33
N ILE A 405 9.69 13.25 -0.87
CA ILE A 405 10.52 12.51 0.08
C ILE A 405 10.78 11.11 -0.42
N LEU A 406 9.74 10.44 -0.90
CA LEU A 406 9.89 9.09 -1.45
C LEU A 406 9.49 9.09 -2.91
N GLY A 407 8.86 8.00 -3.38
CA GLY A 407 8.60 7.83 -4.79
C GLY A 407 7.33 8.48 -5.32
N LEU A 408 6.93 9.60 -4.73
CA LEU A 408 5.71 10.29 -5.13
C LEU A 408 5.96 11.78 -5.27
N VAL A 409 5.39 12.36 -6.32
CA VAL A 409 5.49 13.80 -6.57
C VAL A 409 4.08 14.32 -6.82
N CYS A 410 3.67 15.30 -6.01
CA CYS A 410 2.36 15.92 -6.15
C CYS A 410 2.54 17.30 -6.77
N PHE A 411 1.95 17.51 -7.94
CA PHE A 411 2.17 18.70 -8.74
C PHE A 411 0.87 19.11 -9.39
N ARG A 412 0.84 20.35 -9.89
CA ARG A 412 -0.33 20.85 -10.61
C ARG A 412 0.06 22.10 -11.38
N LEU A 413 -0.71 22.39 -12.42
CA LEU A 413 -0.60 23.68 -13.09
C LEU A 413 -1.06 24.78 -12.14
N LYS A 414 -0.33 25.89 -12.14
CA LYS A 414 -0.78 27.04 -11.38
C LYS A 414 -2.08 27.57 -11.98
N GLY A 415 -3.06 27.83 -11.11
CA GLY A 415 -4.34 28.31 -11.57
C GLY A 415 -5.53 27.52 -11.08
N SER A 416 -6.55 27.38 -11.92
CA SER A 416 -7.81 26.81 -11.50
C SER A 416 -7.71 25.29 -11.34
N ASN A 417 -8.66 24.72 -10.59
CA ASN A 417 -8.78 23.28 -10.54
C ASN A 417 -9.20 22.71 -11.89
N LYS A 418 -9.95 23.48 -12.66
CA LYS A 418 -10.52 22.97 -13.91
C LYS A 418 -9.45 22.76 -14.97
N VAL A 419 -8.46 23.66 -15.03
CA VAL A 419 -7.37 23.48 -15.98
C VAL A 419 -6.57 22.23 -15.63
N ASN A 420 -6.52 21.88 -14.34
CA ASN A 420 -5.81 20.67 -13.91
C ASN A 420 -6.64 19.42 -14.14
N GLU A 421 -7.96 19.50 -13.95
CA GLU A 421 -8.83 18.40 -14.32
C GLU A 421 -8.75 18.13 -15.83
N ALA A 422 -8.65 19.20 -16.62
CA ALA A 422 -8.50 19.03 -18.06
C ALA A 422 -7.18 18.35 -18.41
N LEU A 423 -6.10 18.76 -17.72
CA LEU A 423 -4.80 18.16 -17.98
C LEU A 423 -4.80 16.67 -17.68
N LEU A 424 -5.35 16.28 -16.52
CA LEU A 424 -5.40 14.87 -16.16
C LEU A 424 -6.23 14.07 -17.15
N GLN A 425 -7.35 14.64 -17.60
CA GLN A 425 -8.20 13.95 -18.56
C GLN A 425 -7.50 13.76 -19.89
N ARG A 426 -6.79 14.77 -20.36
CA ARG A 426 -6.03 14.64 -21.60
C ARG A 426 -4.94 13.59 -21.45
N ILE A 427 -4.28 13.54 -20.29
CA ILE A 427 -3.20 12.58 -20.09
C ILE A 427 -3.74 11.16 -20.14
N ASN A 428 -4.70 10.85 -19.27
CA ASN A 428 -5.19 9.47 -19.17
C ASN A 428 -5.93 9.05 -20.45
N SER A 429 -6.46 10.01 -21.20
CA SER A 429 -7.14 9.68 -22.45
C SER A 429 -6.15 9.39 -23.57
N ALA A 430 -4.94 9.94 -23.49
CA ALA A 430 -3.93 9.61 -24.49
C ALA A 430 -3.38 8.20 -24.27
N LYS A 431 -3.47 7.69 -23.04
CA LYS A 431 -3.09 6.31 -22.70
C LYS A 431 -1.64 5.99 -23.05
N LYS A 432 -0.77 6.99 -23.06
CA LYS A 432 0.66 6.75 -23.14
C LYS A 432 1.27 6.53 -21.77
N ILE A 433 0.84 7.32 -20.79
CA ILE A 433 1.15 7.12 -19.38
C ILE A 433 -0.17 7.12 -18.61
N HIS A 434 -0.09 6.73 -17.34
CA HIS A 434 -1.29 6.64 -16.49
C HIS A 434 -1.01 7.29 -15.15
N LEU A 435 -1.83 8.27 -14.79
CA LEU A 435 -1.75 8.98 -13.53
C LEU A 435 -3.10 8.98 -12.85
N VAL A 436 -3.10 9.19 -11.53
CA VAL A 436 -4.33 9.43 -10.79
C VAL A 436 -4.18 10.72 -9.99
N PRO A 437 -5.26 11.44 -9.72
CA PRO A 437 -5.16 12.68 -8.95
C PRO A 437 -5.52 12.51 -7.49
N CYS A 438 -5.51 13.62 -6.76
CA CYS A 438 -6.02 13.67 -5.39
C CYS A 438 -6.46 15.10 -5.11
N HIS A 439 -7.19 15.26 -4.02
CA HIS A 439 -7.60 16.57 -3.54
C HIS A 439 -6.86 16.90 -2.25
N LEU A 440 -6.15 18.02 -2.25
CA LEU A 440 -5.46 18.54 -1.09
C LEU A 440 -6.20 19.81 -0.67
N ARG A 441 -6.98 19.72 0.40
CA ARG A 441 -7.96 20.75 0.77
C ARG A 441 -8.92 20.92 -0.41
N ASP A 442 -9.05 22.10 -0.99
CA ASP A 442 -9.91 22.36 -2.14
C ASP A 442 -9.15 22.28 -3.45
N LYS A 443 -7.91 21.80 -3.42
CA LYS A 443 -7.01 21.88 -4.57
C LYS A 443 -6.97 20.52 -5.27
N PHE A 444 -7.27 20.53 -6.57
CA PHE A 444 -7.12 19.33 -7.41
C PHE A 444 -5.65 19.18 -7.78
N VAL A 445 -5.05 18.05 -7.42
CA VAL A 445 -3.61 17.85 -7.54
C VAL A 445 -3.34 16.56 -8.30
N LEU A 446 -2.35 16.60 -9.19
CA LEU A 446 -1.92 15.41 -9.92
C LEU A 446 -0.83 14.68 -9.14
N ARG A 447 -0.85 13.36 -9.20
CA ARG A 447 0.17 12.52 -8.56
C ARG A 447 1.03 11.85 -9.62
N PHE A 448 2.34 11.81 -9.37
CA PHE A 448 3.28 11.05 -10.18
C PHE A 448 4.00 10.08 -9.26
N ALA A 449 3.70 8.79 -9.39
CA ALA A 449 4.23 7.76 -8.52
C ALA A 449 5.15 6.83 -9.30
N ILE A 450 6.36 6.65 -8.80
CA ILE A 450 7.28 5.67 -9.38
C ILE A 450 6.81 4.27 -9.00
N CYS A 451 6.48 3.44 -9.98
CA CYS A 451 5.85 2.16 -9.72
C CYS A 451 6.65 0.97 -10.25
N SER A 452 6.96 0.96 -11.54
CA SER A 452 7.46 -0.27 -12.17
C SER A 452 8.84 -0.65 -11.65
N ARG A 453 9.09 -1.96 -11.58
CA ARG A 453 10.41 -2.44 -11.19
C ARG A 453 11.48 -2.03 -12.19
N THR A 454 11.11 -1.89 -13.47
CA THR A 454 12.07 -1.65 -14.54
C THR A 454 12.02 -0.23 -15.09
N VAL A 455 11.44 0.71 -14.35
CA VAL A 455 11.39 2.09 -14.81
C VAL A 455 12.80 2.70 -14.74
N GLU A 456 13.10 3.55 -15.72
CA GLU A 456 14.42 4.17 -15.87
C GLU A 456 14.25 5.69 -16.03
N SER A 457 15.37 6.41 -16.03
CA SER A 457 15.33 7.85 -16.20
C SER A 457 14.65 8.24 -17.52
N ALA A 458 14.90 7.46 -18.58
CA ALA A 458 14.32 7.79 -19.88
C ALA A 458 12.79 7.78 -19.82
N HIS A 459 12.21 6.81 -19.11
CA HIS A 459 10.76 6.76 -18.99
C HIS A 459 10.22 7.98 -18.27
N VAL A 460 10.89 8.40 -17.20
CA VAL A 460 10.44 9.56 -16.43
C VAL A 460 10.56 10.82 -17.27
N GLN A 461 11.64 10.95 -18.05
CA GLN A 461 11.82 12.12 -18.90
C GLN A 461 10.77 12.15 -20.00
N ARG A 462 10.48 11.00 -20.61
CA ARG A 462 9.46 10.96 -21.65
C ARG A 462 8.09 11.33 -21.11
N ALA A 463 7.76 10.84 -19.91
CA ALA A 463 6.47 11.14 -19.32
C ALA A 463 6.32 12.64 -19.07
N TRP A 464 7.40 13.30 -18.62
CA TRP A 464 7.33 14.73 -18.37
C TRP A 464 7.14 15.51 -19.66
N GLU A 465 7.85 15.12 -20.73
CA GLU A 465 7.67 15.76 -22.02
C GLU A 465 6.22 15.63 -22.48
N HIS A 466 5.62 14.47 -22.28
CA HIS A 466 4.21 14.27 -22.62
C HIS A 466 3.32 15.18 -21.79
N ILE A 467 3.53 15.20 -20.47
CA ILE A 467 2.74 16.06 -19.58
C ILE A 467 2.90 17.51 -19.98
N LYS A 468 4.12 17.92 -20.33
CA LYS A 468 4.36 19.31 -20.70
C LYS A 468 3.64 19.67 -21.99
N GLU A 469 3.65 18.77 -22.97
CA GLU A 469 2.97 19.06 -24.24
C GLU A 469 1.47 19.21 -24.05
N LEU A 470 0.86 18.29 -23.28
CA LEU A 470 -0.58 18.35 -23.07
C LEU A 470 -0.96 19.57 -22.23
N ALA A 471 -0.08 20.01 -21.33
CA ALA A 471 -0.35 21.21 -20.55
C ALA A 471 -0.44 22.44 -21.45
N ALA A 472 0.39 22.49 -22.50
CA ALA A 472 0.31 23.59 -23.46
C ALA A 472 -1.03 23.59 -24.18
N ASP A 473 -1.47 22.40 -24.61
CA ASP A 473 -2.78 22.29 -25.24
C ASP A 473 -3.88 22.78 -24.31
N VAL A 474 -3.85 22.35 -23.05
CA VAL A 474 -4.92 22.63 -22.12
C VAL A 474 -4.92 24.10 -21.72
N LEU A 475 -3.73 24.65 -21.47
CA LEU A 475 -3.62 26.09 -21.17
C LEU A 475 -4.11 26.93 -22.34
N ARG A 476 -3.79 26.52 -23.57
CA ARG A 476 -4.31 27.17 -24.76
C ARG A 476 -5.82 27.23 -24.76
N ALA A 477 -6.46 26.09 -24.48
CA ALA A 477 -7.92 25.99 -24.59
C ALA A 477 -8.62 26.85 -23.53
N GLU A 478 -8.00 27.04 -22.37
CA GLU A 478 -8.68 27.79 -21.32
C GLU A 478 -8.73 29.28 -21.63
N ARG A 479 -7.74 29.80 -22.34
CA ARG A 479 -7.68 31.21 -22.69
C ARG A 479 -8.26 31.48 -24.08
N GLU A 480 -8.96 30.52 -24.66
CA GLU A 480 -9.47 30.64 -26.02
C GLU A 480 -10.74 29.83 -26.20
O1 PG4 B . 11.52 19.23 -21.41
C1 PG4 B . 12.32 18.86 -20.29
C2 PG4 B . 12.75 20.12 -19.53
O2 PG4 B . 11.58 20.80 -19.07
C3 PG4 B . 11.96 21.98 -18.35
C4 PG4 B . 10.71 22.79 -17.97
O3 PG4 B . 10.00 23.19 -19.15
C5 PG4 B . 10.34 24.54 -19.50
C6 PG4 B . 9.37 25.07 -20.57
O4 PG4 B . 9.43 24.29 -21.77
C7 PG4 B . 8.66 24.93 -22.78
C8 PG4 B . 8.71 24.12 -24.08
O5 PG4 B . 8.19 22.81 -23.85
O1 PG4 C . -21.62 11.72 23.44
C1 PG4 C . -22.09 12.08 22.13
C2 PG4 C . -22.58 10.84 21.38
O2 PG4 C . -23.66 10.21 22.08
C3 PG4 C . -23.96 8.95 21.47
C4 PG4 C . -24.95 8.19 22.34
O3 PG4 C . -26.17 8.93 22.48
C5 PG4 C . -26.41 9.31 23.85
C6 PG4 C . -26.24 8.10 24.80
O4 PG4 C . -26.49 8.46 26.17
C7 PG4 C . -25.79 9.68 26.50
C8 PG4 C . -25.05 9.57 27.83
O5 PG4 C . -24.36 10.80 28.08
#